data_9G8U
#
_entry.id   9G8U
#
_cell.length_a   133.686
_cell.length_b   133.686
_cell.length_c   139.715
_cell.angle_alpha   90.000
_cell.angle_beta   90.000
_cell.angle_gamma   120.000
#
_symmetry.space_group_name_H-M   'P 32 2 1'
#
loop_
_entity.id
_entity.type
_entity.pdbx_description
1 polymer 'Lactonizing lipase'
2 polymer 'Lipase chaperone'
3 non-polymer 'CALCIUM ION'
4 non-polymer 'CHLORIDE ION'
5 water water
#
loop_
_entity_poly.entity_id
_entity_poly.type
_entity_poly.pdbx_seq_one_letter_code
_entity_poly.pdbx_strand_id
1 'polypeptide(L)'
;GSNAEQVKSSFVYSTYAQTKYPLVFNHGMAGFNRVGTDTLGLDYWYQILPDLARNGGNVWATRVSPFNSTEVRGEQLAQQ
VEEIIAITGKPKVNLIGHSHGGPTIRYVAGIMPEKVASLTTIGAPHKGSPMADVILNVEGTPLSGLATLVNWFSAAITWA
GGLDPNSYPHDSLAGAHSLSTQGSAQFNAQFPMGVPTTSCGEGAYQEKGIYMYSFSGNKALTNPLDPFDIALTGSSLVVD
PFGDNDGLVSRCSAKFGKTIRDDYNWNHLDEVNQVMGIRAILAADPVSVYRQHANRLKLQGL
;
A
2 'polypeptide(L)'
;MWSHPQFEKGTLNSPLNENTYLSKSQQDTQVNCQLKINSSQHLVVNSQTRDCFEYFITQYGESNLQKVKTHFEKFIQDQY
LEPARSQIIDLWTRYLKYREQLAQIQPSQSKQQDQNYFQKVFNSIQDIRKRFFSASEIEGLFSTEDIYQNYTLDRMKILE
DSSLSEIEKAKKLKERFEQLPEDWQENLQELSKLDDLHTLTKQIKARNGSAEELRQMRTALVGAEATQRLETLDIQRNAW
QQRVTGYLNQRDEVLHSNMSDSAKKQAIQQLRQQQFSSSQEQLRLRTFETVHDQGGELPFNY
;
B
#
# COMPACT_ATOMS: atom_id res chain seq x y z
N PHE A 11 -3.76 -23.42 -2.15
CA PHE A 11 -4.67 -22.76 -1.19
C PHE A 11 -5.36 -21.56 -1.86
N VAL A 12 -4.93 -21.22 -3.08
CA VAL A 12 -5.54 -20.13 -3.85
C VAL A 12 -6.80 -20.66 -4.53
N TYR A 13 -7.91 -19.93 -4.40
CA TYR A 13 -9.20 -20.45 -4.86
C TYR A 13 -9.54 -20.01 -6.28
N SER A 14 -9.11 -18.81 -6.69
CA SER A 14 -9.44 -18.35 -8.04
C SER A 14 -8.26 -17.62 -8.69
N THR A 15 -8.43 -17.34 -9.99
CA THR A 15 -7.45 -16.69 -10.83
C THR A 15 -7.98 -15.31 -11.23
N TYR A 16 -8.69 -14.66 -10.30
CA TYR A 16 -9.39 -13.42 -10.62
C TYR A 16 -8.44 -12.22 -10.57
N ALA A 17 -7.34 -12.37 -9.81
CA ALA A 17 -6.38 -11.29 -9.70
C ALA A 17 -5.00 -11.78 -10.14
N GLN A 18 -4.99 -12.74 -11.08
CA GLN A 18 -3.75 -13.30 -11.61
C GLN A 18 -3.31 -12.47 -12.82
N THR A 19 -2.50 -11.43 -12.56
CA THR A 19 -1.95 -10.60 -13.63
C THR A 19 -0.73 -11.31 -14.22
N LYS A 20 -0.20 -10.75 -15.29
CA LYS A 20 1.01 -11.25 -15.91
C LYS A 20 2.21 -10.83 -15.07
N TYR A 21 2.33 -9.52 -14.83
CA TYR A 21 3.42 -8.94 -14.06
C TYR A 21 3.00 -8.84 -12.60
N PRO A 22 3.95 -9.04 -11.65
CA PRO A 22 3.59 -9.06 -10.23
C PRO A 22 3.04 -7.75 -9.69
N LEU A 23 2.28 -7.88 -8.59
CA LEU A 23 1.65 -6.79 -7.87
C LEU A 23 2.58 -6.37 -6.75
N VAL A 24 3.09 -5.14 -6.84
CA VAL A 24 4.00 -4.62 -5.84
C VAL A 24 3.35 -3.44 -5.13
N PHE A 25 3.32 -3.51 -3.79
CA PHE A 25 2.70 -2.45 -3.02
C PHE A 25 3.76 -1.69 -2.24
N ASN A 26 3.73 -0.35 -2.35
CA ASN A 26 4.63 0.48 -1.59
C ASN A 26 3.83 1.33 -0.61
N HIS A 27 4.27 1.34 0.64
CA HIS A 27 3.60 2.09 1.68
C HIS A 27 4.15 3.51 1.74
N GLY A 28 4.03 4.11 2.92
CA GLY A 28 4.52 5.43 3.24
C GLY A 28 3.88 5.90 4.54
N MET A 29 4.61 6.70 5.31
CA MET A 29 4.08 7.28 6.54
C MET A 29 3.48 6.16 7.41
N ALA A 30 4.31 5.53 8.26
CA ALA A 30 3.85 4.45 9.14
C ALA A 30 4.47 4.58 10.54
N GLY A 31 4.42 3.50 11.32
CA GLY A 31 4.89 3.52 12.70
C GLY A 31 6.18 2.73 12.93
N PHE A 32 6.60 2.69 14.21
CA PHE A 32 7.81 2.00 14.67
C PHE A 32 7.62 0.48 14.57
N ASN A 33 8.69 -0.21 14.12
CA ASN A 33 8.66 -1.63 13.82
C ASN A 33 9.01 -2.46 15.07
N ARG A 34 8.01 -2.72 15.91
CA ARG A 34 8.24 -3.58 17.08
C ARG A 34 8.13 -5.04 16.61
N VAL A 35 8.52 -5.98 17.49
CA VAL A 35 8.55 -7.41 17.14
C VAL A 35 7.13 -7.93 16.88
N GLY A 36 6.42 -7.28 15.94
CA GLY A 36 5.04 -7.61 15.57
C GLY A 36 4.98 -8.62 14.44
N THR A 37 5.24 -8.15 13.21
CA THR A 37 5.34 -9.00 12.02
C THR A 37 5.69 -8.11 10.81
N ASP A 38 4.74 -7.24 10.42
CA ASP A 38 4.89 -6.29 9.33
C ASP A 38 4.34 -4.95 9.77
N THR A 39 5.10 -4.28 10.63
CA THR A 39 4.74 -2.97 11.12
C THR A 39 4.21 -2.11 9.96
N LEU A 40 5.01 -1.98 8.91
CA LEU A 40 4.68 -1.17 7.75
C LEU A 40 4.63 -2.04 6.50
N GLY A 41 4.31 -3.32 6.69
CA GLY A 41 4.24 -4.23 5.57
C GLY A 41 2.82 -4.74 5.37
N LEU A 42 2.59 -5.97 5.83
CA LEU A 42 1.34 -6.68 5.68
C LEU A 42 0.27 -6.07 6.59
N ASP A 43 0.72 -5.53 7.73
CA ASP A 43 -0.18 -4.92 8.71
C ASP A 43 -0.46 -3.48 8.33
N TYR A 44 -0.08 -3.12 7.09
CA TYR A 44 -0.38 -1.81 6.55
C TYR A 44 -1.63 -1.96 5.67
N TRP A 45 -1.60 -2.99 4.82
CA TRP A 45 -2.68 -3.29 3.90
C TRP A 45 -3.54 -4.39 4.51
N TYR A 46 -4.47 -4.00 5.39
CA TYR A 46 -5.26 -4.95 6.17
C TYR A 46 -6.04 -5.93 5.27
N GLN A 47 -5.52 -7.16 5.19
CA GLN A 47 -6.09 -8.30 4.49
C GLN A 47 -6.29 -8.06 3.01
N ILE A 48 -5.55 -7.11 2.43
CA ILE A 48 -5.73 -6.91 1.00
C ILE A 48 -4.81 -7.89 0.30
N LEU A 49 -3.58 -7.91 0.78
CA LEU A 49 -2.51 -8.70 0.21
C LEU A 49 -2.90 -10.18 0.20
N PRO A 50 -3.09 -10.82 1.38
CA PRO A 50 -3.38 -12.25 1.42
C PRO A 50 -4.58 -12.56 0.52
N ASP A 51 -5.56 -11.63 0.53
CA ASP A 51 -6.73 -11.75 -0.32
C ASP A 51 -6.30 -11.89 -1.76
N LEU A 52 -5.68 -10.84 -2.31
CA LEU A 52 -5.23 -10.83 -3.70
C LEU A 52 -4.39 -12.08 -3.97
N ALA A 53 -3.75 -12.59 -2.90
CA ALA A 53 -2.90 -13.77 -3.00
C ALA A 53 -3.73 -15.03 -3.25
N ARG A 54 -4.85 -15.16 -2.53
CA ARG A 54 -5.71 -16.33 -2.71
C ARG A 54 -6.48 -16.26 -4.03
N ASN A 55 -6.65 -15.01 -4.57
CA ASN A 55 -7.38 -14.75 -5.82
C ASN A 55 -6.49 -14.98 -7.04
N GLY A 56 -5.32 -15.62 -6.81
CA GLY A 56 -4.37 -16.01 -7.85
C GLY A 56 -3.18 -15.05 -8.06
N GLY A 57 -3.23 -13.86 -7.44
CA GLY A 57 -2.22 -12.85 -7.69
C GLY A 57 -0.83 -13.23 -7.14
N ASN A 58 0.16 -12.44 -7.57
CA ASN A 58 1.53 -12.58 -7.09
C ASN A 58 1.89 -11.24 -6.46
N VAL A 59 1.80 -11.18 -5.11
CA VAL A 59 1.91 -9.93 -4.40
C VAL A 59 3.21 -9.84 -3.60
N TRP A 60 3.83 -8.65 -3.69
CA TRP A 60 5.07 -8.29 -3.02
C TRP A 60 4.93 -6.91 -2.39
N ALA A 61 5.10 -6.88 -1.06
CA ALA A 61 5.04 -5.64 -0.32
C ALA A 61 6.46 -5.11 -0.15
N THR A 62 6.63 -3.82 -0.37
CA THR A 62 7.95 -3.22 -0.27
C THR A 62 8.06 -2.45 1.05
N ARG A 63 9.21 -2.61 1.72
CA ARG A 63 9.45 -1.94 2.99
C ARG A 63 10.50 -0.86 2.81
N VAL A 64 10.06 0.38 2.60
CA VAL A 64 10.95 1.52 2.43
C VAL A 64 10.98 2.34 3.73
N SER A 65 11.87 3.34 3.76
CA SER A 65 11.95 4.25 4.89
C SER A 65 10.61 4.95 5.03
N PRO A 66 9.96 4.91 6.22
CA PRO A 66 8.68 5.57 6.41
C PRO A 66 8.79 7.09 6.31
N PHE A 67 9.88 7.65 6.86
CA PHE A 67 10.08 9.09 6.89
C PHE A 67 11.39 9.49 6.22
N ASN A 68 11.29 9.99 4.97
CA ASN A 68 12.44 10.46 4.19
C ASN A 68 11.93 11.07 2.86
N SER A 69 12.85 11.66 2.07
CA SER A 69 12.49 12.33 0.82
C SER A 69 12.01 11.32 -0.22
N THR A 70 11.13 11.79 -1.11
CA THR A 70 10.52 10.98 -2.15
C THR A 70 11.61 10.27 -2.95
N GLU A 71 12.74 10.96 -3.08
CA GLU A 71 13.85 10.50 -3.88
C GLU A 71 14.58 9.34 -3.18
N VAL A 72 14.86 9.50 -1.88
CA VAL A 72 15.59 8.46 -1.14
C VAL A 72 14.72 7.20 -1.05
N ARG A 73 13.44 7.41 -0.69
CA ARG A 73 12.47 6.32 -0.67
C ARG A 73 12.42 5.66 -2.05
N GLY A 74 12.45 6.51 -3.10
CA GLY A 74 12.44 6.03 -4.48
C GLY A 74 13.61 5.08 -4.75
N GLU A 75 14.83 5.52 -4.39
CA GLU A 75 16.04 4.70 -4.53
C GLU A 75 15.88 3.38 -3.78
N GLN A 76 15.34 3.48 -2.56
CA GLN A 76 15.14 2.28 -1.76
C GLN A 76 14.21 1.32 -2.51
N LEU A 77 13.02 1.82 -2.87
CA LEU A 77 12.00 1.05 -3.56
C LEU A 77 12.59 0.39 -4.81
N ALA A 78 13.14 1.22 -5.69
CA ALA A 78 13.67 0.75 -6.96
C ALA A 78 14.44 -0.56 -6.76
N GLN A 79 15.38 -0.57 -5.80
CA GLN A 79 16.25 -1.72 -5.66
C GLN A 79 15.41 -2.96 -5.33
N GLN A 80 14.45 -2.81 -4.42
CA GLN A 80 13.57 -3.92 -4.11
C GLN A 80 12.86 -4.34 -5.40
N VAL A 81 12.45 -3.37 -6.22
CA VAL A 81 11.77 -3.67 -7.48
C VAL A 81 12.65 -4.62 -8.29
N GLU A 82 13.92 -4.24 -8.47
CA GLU A 82 14.88 -5.07 -9.20
C GLU A 82 14.97 -6.46 -8.57
N GLU A 83 15.13 -6.49 -7.23
CA GLU A 83 15.21 -7.76 -6.50
C GLU A 83 14.05 -8.64 -6.92
N ILE A 84 12.83 -8.06 -6.88
CA ILE A 84 11.60 -8.75 -7.22
C ILE A 84 11.63 -9.23 -8.66
N ILE A 85 12.00 -8.33 -9.60
CA ILE A 85 12.07 -8.71 -11.01
C ILE A 85 12.98 -9.91 -11.17
N ALA A 86 14.08 -9.92 -10.40
CA ALA A 86 15.06 -10.99 -10.44
C ALA A 86 14.49 -12.29 -9.87
N ILE A 87 13.72 -12.18 -8.77
CA ILE A 87 13.20 -13.35 -8.09
C ILE A 87 12.04 -13.98 -8.90
N THR A 88 11.18 -13.13 -9.46
CA THR A 88 9.99 -13.56 -10.20
C THR A 88 10.39 -14.01 -11.59
N GLY A 89 11.38 -13.32 -12.17
CA GLY A 89 11.82 -13.59 -13.52
C GLY A 89 10.98 -12.81 -14.53
N LYS A 90 9.94 -12.14 -14.02
CA LYS A 90 9.07 -11.32 -14.85
C LYS A 90 9.81 -10.02 -15.16
N PRO A 91 9.64 -9.48 -16.39
CA PRO A 91 10.34 -8.26 -16.80
C PRO A 91 9.90 -6.97 -16.10
N LYS A 92 8.59 -6.72 -16.11
CA LYS A 92 8.03 -5.51 -15.54
C LYS A 92 7.20 -5.86 -14.29
N VAL A 93 6.86 -4.82 -13.51
CA VAL A 93 6.05 -5.00 -12.31
C VAL A 93 4.94 -3.95 -12.29
N ASN A 94 3.86 -4.25 -11.53
CA ASN A 94 2.74 -3.32 -11.34
C ASN A 94 2.90 -2.65 -9.99
N LEU A 95 3.19 -1.34 -9.99
CA LEU A 95 3.41 -0.61 -8.76
C LEU A 95 2.11 0.02 -8.26
N ILE A 96 1.85 -0.18 -6.97
CA ILE A 96 0.68 0.37 -6.30
C ILE A 96 1.15 1.02 -5.00
N GLY A 97 1.06 2.37 -4.97
CA GLY A 97 1.52 3.15 -3.83
C GLY A 97 0.37 3.91 -3.18
N HIS A 98 0.39 3.94 -1.83
CA HIS A 98 -0.60 4.65 -1.04
C HIS A 98 0.06 5.86 -0.37
N SER A 99 -0.65 7.00 -0.38
CA SER A 99 -0.15 8.24 0.18
C SER A 99 1.24 8.57 -0.37
N HIS A 100 2.25 8.66 0.54
CA HIS A 100 3.61 9.02 0.15
C HIS A 100 4.17 8.00 -0.85
N GLY A 101 3.60 6.78 -0.85
CA GLY A 101 4.00 5.71 -1.77
C GLY A 101 3.75 6.11 -3.23
N GLY A 102 2.76 7.01 -3.43
CA GLY A 102 2.40 7.53 -4.74
C GLY A 102 3.62 8.11 -5.45
N PRO A 103 4.18 9.27 -5.00
CA PRO A 103 5.40 9.83 -5.60
C PRO A 103 6.58 8.84 -5.61
N THR A 104 6.60 7.96 -4.59
CA THR A 104 7.66 6.98 -4.39
C THR A 104 7.67 5.94 -5.52
N ILE A 105 6.50 5.59 -6.07
CA ILE A 105 6.51 4.69 -7.21
C ILE A 105 6.80 5.50 -8.49
N ARG A 106 6.38 6.78 -8.51
CA ARG A 106 6.61 7.68 -9.64
C ARG A 106 8.12 7.88 -9.86
N TYR A 107 8.88 7.95 -8.75
CA TYR A 107 10.33 8.08 -8.82
C TYR A 107 10.89 6.92 -9.63
N VAL A 108 10.50 5.69 -9.27
CA VAL A 108 10.92 4.46 -9.92
C VAL A 108 10.47 4.48 -11.39
N ALA A 109 9.22 4.90 -11.62
CA ALA A 109 8.68 4.97 -12.97
C ALA A 109 9.53 5.91 -13.84
N GLY A 110 9.98 7.02 -13.24
CA GLY A 110 10.75 8.02 -13.96
C GLY A 110 12.17 7.57 -14.34
N ILE A 111 12.78 6.68 -13.53
CA ILE A 111 14.16 6.29 -13.75
C ILE A 111 14.28 4.88 -14.32
N MET A 112 13.22 4.08 -14.27
CA MET A 112 13.27 2.75 -14.86
C MET A 112 11.97 2.43 -15.58
N PRO A 113 11.48 3.32 -16.49
CA PRO A 113 10.21 3.07 -17.19
C PRO A 113 10.13 1.72 -17.92
N GLU A 114 11.28 1.05 -18.06
CA GLU A 114 11.32 -0.21 -18.79
C GLU A 114 10.91 -1.37 -17.86
N LYS A 115 10.95 -1.13 -16.54
CA LYS A 115 10.68 -2.16 -15.53
C LYS A 115 9.26 -1.99 -14.97
N VAL A 116 8.62 -0.86 -15.29
CA VAL A 116 7.32 -0.52 -14.76
C VAL A 116 6.24 -0.77 -15.81
N ALA A 117 5.23 -1.58 -15.43
CA ALA A 117 4.12 -1.88 -16.32
C ALA A 117 2.97 -0.92 -16.08
N SER A 118 2.63 -0.72 -14.78
CA SER A 118 1.54 0.16 -14.40
C SER A 118 1.82 0.85 -13.06
N LEU A 119 1.33 2.10 -12.95
CA LEU A 119 1.38 2.87 -11.72
C LEU A 119 -0.03 3.09 -11.18
N THR A 120 -0.26 2.70 -9.93
CA THR A 120 -1.55 2.90 -9.29
C THR A 120 -1.32 3.63 -7.97
N THR A 121 -1.86 4.86 -7.86
CA THR A 121 -1.67 5.67 -6.65
C THR A 121 -3.01 5.83 -5.91
N ILE A 122 -2.99 5.52 -4.60
CA ILE A 122 -4.17 5.67 -3.77
C ILE A 122 -3.92 6.81 -2.78
N GLY A 123 -4.82 7.80 -2.80
CA GLY A 123 -4.76 8.95 -1.91
C GLY A 123 -3.36 9.54 -1.84
N ALA A 124 -2.77 9.79 -3.00
CA ALA A 124 -1.43 10.31 -3.07
C ALA A 124 -1.46 11.84 -3.17
N PRO A 125 -0.67 12.56 -2.33
CA PRO A 125 -0.58 14.02 -2.40
C PRO A 125 0.34 14.53 -3.52
N HIS A 126 -0.05 14.22 -4.76
CA HIS A 126 0.67 14.58 -5.97
C HIS A 126 0.82 16.10 -6.06
N LYS A 127 -0.30 16.82 -5.92
CA LYS A 127 -0.28 18.28 -5.95
C LYS A 127 0.17 18.80 -4.58
N GLY A 128 0.55 17.88 -3.67
CA GLY A 128 0.99 18.21 -2.32
C GLY A 128 -0.14 18.09 -1.29
N SER A 129 0.19 18.29 0.00
CA SER A 129 -0.81 18.24 1.07
C SER A 129 -0.74 19.49 1.94
N PRO A 130 -1.88 20.21 2.14
CA PRO A 130 -1.89 21.45 2.90
C PRO A 130 -1.40 21.24 4.33
N MET A 131 -1.59 20.00 4.80
CA MET A 131 -1.20 19.60 6.14
C MET A 131 0.32 19.63 6.25
N ALA A 132 0.99 19.25 5.17
CA ALA A 132 2.44 19.21 5.11
C ALA A 132 3.03 20.62 5.24
N ASP A 133 2.42 21.57 4.50
CA ASP A 133 2.86 22.95 4.50
C ASP A 133 2.82 23.50 5.91
N VAL A 134 1.63 23.41 6.51
CA VAL A 134 1.30 23.92 7.83
C VAL A 134 2.37 23.57 8.87
N ILE A 135 2.76 22.29 8.92
CA ILE A 135 3.76 21.81 9.86
C ILE A 135 5.03 22.66 9.75
N LEU A 136 5.41 22.99 8.51
CA LEU A 136 6.66 23.68 8.23
C LEU A 136 6.56 25.19 8.47
N ASN A 137 5.34 25.71 8.55
CA ASN A 137 5.13 27.15 8.70
C ASN A 137 5.88 27.71 9.90
N VAL A 138 6.29 28.97 9.77
CA VAL A 138 6.95 29.74 10.83
C VAL A 138 6.17 31.05 10.98
N GLU A 139 5.80 31.62 9.81
CA GLU A 139 4.93 32.79 9.73
C GLU A 139 3.50 32.27 9.72
N GLY A 140 2.73 32.71 10.71
CA GLY A 140 1.38 32.20 10.96
C GLY A 140 1.33 31.77 12.43
N THR A 141 2.12 32.48 13.22
CA THR A 141 2.36 32.32 14.64
C THR A 141 1.28 31.45 15.33
N PRO A 142 -0.03 31.83 15.35
CA PRO A 142 -1.05 31.04 16.06
C PRO A 142 -1.14 29.59 15.56
N LEU A 143 -1.40 29.45 14.25
CA LEU A 143 -1.47 28.15 13.59
C LEU A 143 -0.16 27.41 13.82
N SER A 144 0.94 28.09 13.41
CA SER A 144 2.31 27.57 13.51
C SER A 144 2.53 26.96 14.88
N GLY A 145 1.92 27.57 15.91
CA GLY A 145 2.02 27.05 17.26
C GLY A 145 1.50 25.61 17.33
N LEU A 146 0.19 25.47 17.01
CA LEU A 146 -0.49 24.18 16.99
C LEU A 146 0.23 23.21 16.05
N ALA A 147 0.83 23.75 14.99
CA ALA A 147 1.56 22.96 14.02
C ALA A 147 2.81 22.36 14.68
N THR A 148 3.76 23.24 15.09
CA THR A 148 5.00 22.81 15.73
C THR A 148 4.66 21.80 16.81
N LEU A 149 3.65 22.15 17.61
CA LEU A 149 3.18 21.33 18.71
C LEU A 149 2.82 19.93 18.17
N VAL A 150 1.81 19.87 17.28
CA VAL A 150 1.36 18.59 16.74
C VAL A 150 2.57 17.81 16.24
N ASN A 151 3.46 18.49 15.52
CA ASN A 151 4.66 17.89 14.97
C ASN A 151 5.44 17.21 16.11
N TRP A 152 5.66 17.97 17.18
CA TRP A 152 6.41 17.48 18.34
C TRP A 152 5.77 16.21 18.91
N PHE A 153 4.42 16.17 18.94
CA PHE A 153 3.72 14.98 19.44
C PHE A 153 3.96 13.80 18.47
N SER A 154 3.57 13.99 17.19
CA SER A 154 3.78 12.93 16.20
C SER A 154 5.19 12.39 16.33
N ALA A 155 6.13 13.31 16.64
CA ALA A 155 7.53 12.97 16.86
C ALA A 155 7.66 12.08 18.09
N ALA A 156 7.09 12.56 19.20
CA ALA A 156 7.13 11.86 20.47
C ALA A 156 6.65 10.41 20.32
N ILE A 157 5.58 10.21 19.53
CA ILE A 157 4.96 8.88 19.37
C ILE A 157 5.97 7.88 18.81
N THR A 158 6.71 8.28 17.77
CA THR A 158 7.72 7.40 17.19
C THR A 158 8.95 7.36 18.11
N TRP A 159 9.26 8.49 18.79
CA TRP A 159 10.35 8.52 19.77
C TRP A 159 10.13 7.44 20.84
N ALA A 160 8.85 7.18 21.15
CA ALA A 160 8.44 6.19 22.15
C ALA A 160 8.89 4.79 21.72
N GLY A 161 9.07 4.60 20.41
CA GLY A 161 9.55 3.33 19.89
C GLY A 161 11.02 3.14 20.26
N GLY A 162 11.85 4.12 19.85
CA GLY A 162 13.27 4.12 20.12
C GLY A 162 14.08 3.53 18.96
N LEU A 163 14.90 2.53 19.28
CA LEU A 163 15.74 1.82 18.33
C LEU A 163 14.85 0.91 17.47
N ASP A 164 14.68 1.26 16.19
CA ASP A 164 13.88 0.47 15.27
C ASP A 164 14.68 -0.74 14.79
N PRO A 165 14.23 -2.01 15.08
CA PRO A 165 14.93 -3.21 14.58
C PRO A 165 15.26 -3.05 13.09
N ASN A 166 14.21 -2.78 12.28
CA ASN A 166 14.39 -2.46 10.87
C ASN A 166 14.59 -0.95 10.76
N SER A 167 15.82 -0.51 11.06
CA SER A 167 16.16 0.90 11.07
C SER A 167 16.33 1.44 9.65
N TYR A 168 15.43 2.35 9.27
CA TYR A 168 15.44 2.98 7.95
C TYR A 168 15.89 4.44 8.11
N PRO A 169 16.74 4.97 7.20
CA PRO A 169 17.23 6.35 7.31
C PRO A 169 16.07 7.29 7.56
N HIS A 170 16.01 7.81 8.79
CA HIS A 170 14.91 8.64 9.24
C HIS A 170 15.27 10.11 9.04
N ASP A 171 14.61 10.74 8.05
CA ASP A 171 14.79 12.16 7.78
C ASP A 171 13.41 12.76 7.51
N SER A 172 12.67 13.00 8.58
CA SER A 172 11.30 13.47 8.50
C SER A 172 11.17 14.82 7.81
N LEU A 173 12.08 15.77 8.12
CA LEU A 173 12.00 17.10 7.53
C LEU A 173 11.87 17.00 6.01
N ALA A 174 12.82 16.28 5.40
CA ALA A 174 12.84 16.10 3.97
C ALA A 174 11.52 15.47 3.51
N GLY A 175 11.03 14.50 4.31
CA GLY A 175 9.77 13.82 4.00
C GLY A 175 8.62 14.82 3.89
N ALA A 176 8.56 15.72 4.88
CA ALA A 176 7.56 16.76 4.93
C ALA A 176 7.74 17.71 3.75
N HIS A 177 9.00 18.07 3.48
CA HIS A 177 9.29 18.99 2.41
C HIS A 177 8.95 18.35 1.06
N SER A 178 8.86 17.00 1.03
CA SER A 178 8.58 16.25 -0.19
C SER A 178 7.08 16.13 -0.47
N LEU A 179 6.25 16.43 0.54
CA LEU A 179 4.82 16.32 0.40
C LEU A 179 4.17 17.70 0.43
N SER A 180 5.03 18.74 0.55
CA SER A 180 4.57 20.12 0.56
C SER A 180 4.16 20.53 -0.85
N THR A 181 3.42 21.65 -0.93
CA THR A 181 2.91 22.20 -2.17
C THR A 181 4.06 22.58 -3.09
N GLN A 182 5.17 23.02 -2.49
CA GLN A 182 6.33 23.42 -3.26
C GLN A 182 7.10 22.16 -3.70
N GLY A 183 7.50 21.36 -2.70
CA GLY A 183 8.24 20.12 -2.91
C GLY A 183 7.60 19.23 -3.97
N SER A 184 6.29 18.98 -3.82
CA SER A 184 5.59 18.14 -4.77
C SER A 184 5.65 18.75 -6.19
N ALA A 185 5.66 20.09 -6.29
CA ALA A 185 5.76 20.76 -7.59
C ALA A 185 7.15 20.54 -8.17
N GLN A 186 8.17 20.80 -7.34
CA GLN A 186 9.57 20.61 -7.71
C GLN A 186 9.77 19.19 -8.23
N PHE A 187 9.17 18.19 -7.52
CA PHE A 187 9.32 16.78 -7.87
C PHE A 187 8.54 16.46 -9.15
N ASN A 188 7.36 17.08 -9.29
CA ASN A 188 6.54 16.88 -10.48
C ASN A 188 7.30 17.35 -11.72
N ALA A 189 7.89 18.55 -11.64
CA ALA A 189 8.64 19.13 -12.74
C ALA A 189 9.67 18.14 -13.29
N GLN A 190 10.11 17.19 -12.45
CA GLN A 190 11.13 16.23 -12.87
C GLN A 190 10.50 14.84 -13.15
N PHE A 191 9.34 14.54 -12.56
CA PHE A 191 8.71 13.25 -12.82
C PHE A 191 7.25 13.46 -13.20
N PRO A 192 6.97 14.28 -14.24
CA PRO A 192 5.60 14.70 -14.54
C PRO A 192 4.72 13.70 -15.25
N MET A 193 5.25 12.51 -15.48
CA MET A 193 4.51 11.48 -16.16
C MET A 193 3.30 11.07 -15.30
N GLY A 194 2.08 11.35 -15.81
CA GLY A 194 0.82 10.95 -15.16
C GLY A 194 0.14 12.10 -14.38
N VAL A 195 0.93 13.10 -14.04
CA VAL A 195 0.47 14.27 -13.30
C VAL A 195 -0.32 15.18 -14.22
N PRO A 196 -1.46 15.74 -13.75
CA PRO A 196 -2.27 16.66 -14.55
C PRO A 196 -1.64 18.06 -14.67
N THR A 197 -2.00 18.77 -15.75
CA THR A 197 -1.58 20.15 -15.94
C THR A 197 -2.66 21.05 -15.37
N THR A 198 -3.91 20.58 -15.43
CA THR A 198 -5.02 21.32 -14.82
C THR A 198 -4.97 21.04 -13.32
N SER A 199 -5.47 22.01 -12.55
CA SER A 199 -5.46 21.90 -11.10
C SER A 199 -6.16 20.62 -10.66
N CYS A 200 -7.38 20.38 -11.17
CA CYS A 200 -8.17 19.26 -10.67
C CYS A 200 -8.70 18.36 -11.81
N GLY A 201 -7.88 18.18 -12.87
CA GLY A 201 -8.22 17.27 -13.95
C GLY A 201 -7.46 15.94 -13.77
N GLU A 202 -7.54 15.06 -14.78
CA GLU A 202 -6.81 13.80 -14.73
C GLU A 202 -5.43 13.99 -15.33
N GLY A 203 -4.65 12.90 -15.37
CA GLY A 203 -3.35 12.89 -16.02
C GLY A 203 -3.40 12.06 -17.30
N ALA A 204 -2.23 11.73 -17.84
CA ALA A 204 -2.19 10.91 -19.04
C ALA A 204 -2.54 9.48 -18.67
N TYR A 205 -3.40 8.84 -19.47
CA TYR A 205 -3.78 7.46 -19.21
C TYR A 205 -2.57 6.55 -19.38
N GLN A 206 -1.72 6.87 -20.37
CA GLN A 206 -0.55 6.05 -20.69
C GLN A 206 0.55 6.91 -21.33
N GLU A 207 1.79 6.69 -20.87
CA GLU A 207 2.99 7.33 -21.39
C GLU A 207 4.15 6.36 -21.21
N LYS A 208 5.09 6.38 -22.16
CA LYS A 208 6.24 5.49 -22.13
C LYS A 208 5.77 4.04 -21.96
N GLY A 209 4.56 3.77 -22.48
CA GLY A 209 3.95 2.45 -22.48
C GLY A 209 3.47 2.02 -21.09
N ILE A 210 3.41 2.97 -20.15
CA ILE A 210 3.01 2.67 -18.79
C ILE A 210 1.59 3.18 -18.57
N TYR A 211 0.73 2.31 -18.00
CA TYR A 211 -0.63 2.65 -17.63
C TYR A 211 -0.63 3.28 -16.25
N MET A 212 -1.50 4.28 -16.06
CA MET A 212 -1.52 5.03 -14.80
C MET A 212 -2.95 5.19 -14.28
N TYR A 213 -3.13 4.83 -13.00
CA TYR A 213 -4.43 4.84 -12.36
C TYR A 213 -4.32 5.41 -10.96
N SER A 214 -5.35 6.17 -10.58
CA SER A 214 -5.43 6.75 -9.25
C SER A 214 -6.87 6.74 -8.79
N PHE A 215 -7.09 6.23 -7.58
CA PHE A 215 -8.40 6.30 -6.95
C PHE A 215 -8.20 6.69 -5.48
N SER A 216 -9.10 7.57 -4.98
CA SER A 216 -8.98 8.15 -3.64
C SER A 216 -10.36 8.38 -3.02
N GLY A 217 -10.35 8.70 -1.71
CA GLY A 217 -11.54 9.05 -0.95
C GLY A 217 -11.62 10.57 -0.75
N ASN A 218 -12.81 11.07 -0.38
CA ASN A 218 -13.06 12.50 -0.19
C ASN A 218 -13.77 12.76 1.12
N LYS A 219 -13.61 11.84 2.09
CA LYS A 219 -14.30 11.92 3.37
C LYS A 219 -13.32 11.77 4.55
N ALA A 220 -13.69 12.42 5.68
CA ALA A 220 -12.94 12.40 6.93
C ALA A 220 -13.53 11.35 7.90
N LEU A 221 -14.73 11.66 8.45
CA LEU A 221 -15.46 10.76 9.33
C LEU A 221 -16.13 9.66 8.53
N THR A 222 -15.75 8.41 8.76
CA THR A 222 -16.38 7.30 8.06
C THR A 222 -17.14 6.45 9.06
N ASN A 223 -16.47 6.11 10.18
CA ASN A 223 -17.09 5.36 11.26
C ASN A 223 -16.45 5.80 12.58
N PRO A 224 -17.23 6.37 13.52
CA PRO A 224 -16.69 6.92 14.77
C PRO A 224 -16.02 5.94 15.71
N LEU A 225 -16.03 4.65 15.34
CA LEU A 225 -15.36 3.62 16.12
C LEU A 225 -13.88 3.59 15.71
N ASP A 226 -13.58 4.17 14.54
CA ASP A 226 -12.19 4.25 14.08
C ASP A 226 -11.48 5.29 14.96
N PRO A 227 -10.64 4.83 15.91
CA PRO A 227 -9.96 5.72 16.85
C PRO A 227 -9.34 6.97 16.24
N PHE A 228 -9.16 6.94 14.92
CA PHE A 228 -8.43 7.98 14.21
C PHE A 228 -9.32 8.99 13.49
N ASP A 229 -10.60 8.64 13.29
CA ASP A 229 -11.48 9.58 12.60
C ASP A 229 -11.43 10.95 13.28
N ILE A 230 -11.35 10.95 14.61
CA ILE A 230 -11.30 12.17 15.40
C ILE A 230 -10.12 13.02 14.91
N ALA A 231 -8.97 12.38 14.74
CA ALA A 231 -7.74 13.03 14.31
C ALA A 231 -7.85 13.51 12.87
N LEU A 232 -8.28 12.60 11.99
CA LEU A 232 -8.42 12.90 10.57
C LEU A 232 -9.36 14.08 10.35
N THR A 233 -10.41 14.19 11.17
CA THR A 233 -11.36 15.30 11.06
C THR A 233 -10.64 16.60 11.38
N GLY A 234 -9.71 16.53 12.35
CA GLY A 234 -8.92 17.69 12.72
C GLY A 234 -8.18 18.23 11.50
N SER A 235 -7.32 17.39 10.93
CA SER A 235 -6.51 17.73 9.77
C SER A 235 -7.36 18.06 8.54
N SER A 236 -8.54 17.43 8.39
CA SER A 236 -9.41 17.67 7.24
C SER A 236 -9.67 19.16 7.03
N LEU A 237 -9.76 19.89 8.14
CA LEU A 237 -10.06 21.31 8.14
C LEU A 237 -8.83 22.11 7.69
N VAL A 238 -7.64 21.54 7.95
CA VAL A 238 -6.35 22.11 7.58
C VAL A 238 -6.14 21.89 6.09
N VAL A 239 -6.52 20.69 5.64
CA VAL A 239 -6.39 20.26 4.26
C VAL A 239 -7.35 21.10 3.41
N ASP A 240 -8.60 21.17 3.86
CA ASP A 240 -9.60 21.92 3.10
C ASP A 240 -10.74 22.27 4.04
N PRO A 241 -11.12 23.56 4.14
CA PRO A 241 -12.24 23.96 4.99
C PRO A 241 -13.51 23.21 4.61
N PHE A 242 -13.80 23.16 3.29
CA PHE A 242 -15.03 22.55 2.75
C PHE A 242 -14.88 21.03 2.71
N GLY A 243 -13.69 20.55 3.11
CA GLY A 243 -13.36 19.14 3.25
C GLY A 243 -13.70 18.28 2.03
N ASP A 244 -12.95 18.45 0.94
CA ASP A 244 -13.08 17.53 -0.18
C ASP A 244 -11.82 16.70 -0.18
N ASN A 245 -11.67 15.90 0.88
CA ASN A 245 -10.44 15.17 1.09
C ASN A 245 -10.68 13.96 1.98
N ASP A 246 -9.66 13.09 2.03
CA ASP A 246 -9.68 11.88 2.82
C ASP A 246 -9.21 12.24 4.23
N GLY A 247 -9.01 13.54 4.45
CA GLY A 247 -8.59 14.06 5.74
C GLY A 247 -7.16 14.60 5.69
N LEU A 248 -6.41 14.23 4.64
CA LEU A 248 -5.01 14.61 4.52
C LEU A 248 -4.69 15.08 3.11
N VAL A 249 -5.24 14.37 2.11
CA VAL A 249 -4.96 14.66 0.72
C VAL A 249 -6.26 14.99 0.00
N SER A 250 -6.37 16.25 -0.48
CA SER A 250 -7.56 16.69 -1.20
C SER A 250 -7.82 15.73 -2.35
N ARG A 251 -9.06 15.74 -2.87
CA ARG A 251 -9.37 14.84 -3.97
C ARG A 251 -8.57 15.24 -5.22
N CYS A 252 -8.25 16.54 -5.33
CA CYS A 252 -7.56 17.10 -6.48
C CYS A 252 -6.09 16.66 -6.54
N SER A 253 -5.43 16.72 -5.39
CA SER A 253 -4.01 16.37 -5.31
C SER A 253 -3.80 14.86 -5.50
N ALA A 254 -4.88 14.07 -5.47
CA ALA A 254 -4.77 12.62 -5.53
C ALA A 254 -5.05 12.10 -6.93
N LYS A 255 -5.59 12.96 -7.80
CA LYS A 255 -5.87 12.55 -9.18
C LYS A 255 -4.53 12.41 -9.92
N PHE A 256 -4.40 11.28 -10.63
CA PHE A 256 -3.20 10.91 -11.35
C PHE A 256 -3.60 9.90 -12.41
N GLY A 257 -3.30 10.22 -13.67
CA GLY A 257 -3.69 9.33 -14.76
C GLY A 257 -5.20 9.10 -14.76
N LYS A 258 -5.60 7.84 -14.99
CA LYS A 258 -7.03 7.54 -15.01
C LYS A 258 -7.52 7.36 -13.58
N THR A 259 -8.52 8.17 -13.21
CA THR A 259 -9.15 8.09 -11.91
C THR A 259 -10.28 7.07 -12.02
N ILE A 260 -10.07 5.89 -11.42
CA ILE A 260 -11.05 4.83 -11.39
C ILE A 260 -12.33 5.37 -10.74
N ARG A 261 -12.16 6.06 -9.59
CA ARG A 261 -13.24 6.68 -8.82
C ARG A 261 -12.61 7.49 -7.68
N ASP A 262 -13.05 8.75 -7.51
CA ASP A 262 -12.43 9.62 -6.53
C ASP A 262 -13.44 10.13 -5.50
N ASP A 263 -14.38 9.28 -5.06
CA ASP A 263 -15.39 9.75 -4.12
C ASP A 263 -15.82 8.63 -3.16
N TYR A 264 -14.91 7.70 -2.85
CA TYR A 264 -15.23 6.63 -1.93
C TYR A 264 -15.44 7.23 -0.54
N ASN A 265 -16.42 6.66 0.18
CA ASN A 265 -16.74 7.09 1.54
C ASN A 265 -15.64 6.53 2.45
N TRP A 266 -14.39 6.82 2.06
CA TRP A 266 -13.21 6.37 2.76
C TRP A 266 -12.41 7.55 3.26
N ASN A 267 -11.79 7.37 4.43
CA ASN A 267 -10.85 8.33 4.96
C ASN A 267 -9.47 7.83 4.54
N HIS A 268 -8.45 8.63 4.79
CA HIS A 268 -7.09 8.36 4.34
C HIS A 268 -6.63 6.95 4.74
N LEU A 269 -7.19 6.40 5.84
CA LEU A 269 -6.82 5.07 6.34
C LEU A 269 -7.77 3.99 5.79
N ASP A 270 -9.04 4.36 5.56
CA ASP A 270 -10.01 3.40 5.01
C ASP A 270 -9.49 2.90 3.66
N GLU A 271 -8.72 3.77 3.00
CA GLU A 271 -8.10 3.51 1.72
C GLU A 271 -7.27 2.24 1.83
N VAL A 272 -6.63 2.02 2.99
CA VAL A 272 -5.81 0.83 3.16
C VAL A 272 -6.54 -0.19 4.05
N ASN A 273 -7.83 0.08 4.30
CA ASN A 273 -8.69 -0.80 5.07
C ASN A 273 -8.30 -0.69 6.56
N GLN A 274 -8.14 0.57 7.05
CA GLN A 274 -7.77 0.87 8.45
C GLN A 274 -8.87 1.71 9.13
N VAL A 275 -9.08 1.51 10.46
CA VAL A 275 -8.31 0.56 11.27
C VAL A 275 -9.08 -0.74 11.36
N MET A 276 -8.33 -1.87 11.34
CA MET A 276 -8.86 -3.22 11.50
C MET A 276 -10.07 -3.50 10.59
N GLY A 277 -10.34 -2.61 9.64
CA GLY A 277 -11.46 -2.83 8.71
C GLY A 277 -12.72 -2.11 9.14
N ILE A 278 -12.55 -0.98 9.82
CA ILE A 278 -13.66 -0.18 10.24
C ILE A 278 -13.83 0.90 9.19
N ARG A 279 -15.07 1.07 8.71
CA ARG A 279 -15.35 2.06 7.68
C ARG A 279 -16.84 2.36 7.67
N ALA A 280 -17.23 3.35 6.85
CA ALA A 280 -18.61 3.80 6.72
C ALA A 280 -19.53 2.60 6.55
N ILE A 281 -20.82 2.79 6.88
CA ILE A 281 -21.82 1.72 6.88
C ILE A 281 -22.02 1.16 5.46
N LEU A 282 -22.28 2.05 4.49
CA LEU A 282 -22.40 1.62 3.10
C LEU A 282 -21.31 2.28 2.25
N ALA A 283 -20.16 1.61 2.24
CA ALA A 283 -19.02 1.98 1.44
C ALA A 283 -18.42 0.69 0.90
N ALA A 284 -17.90 0.74 -0.32
CA ALA A 284 -17.28 -0.42 -0.94
C ALA A 284 -16.10 -0.93 -0.09
N ASP A 285 -15.91 -2.26 -0.08
CA ASP A 285 -14.86 -2.90 0.70
C ASP A 285 -13.50 -2.74 -0.01
N PRO A 286 -12.52 -2.02 0.64
CA PRO A 286 -11.19 -1.85 0.05
C PRO A 286 -10.69 -3.14 -0.59
N VAL A 287 -10.74 -4.24 0.18
CA VAL A 287 -10.25 -5.55 -0.25
C VAL A 287 -10.82 -5.91 -1.62
N SER A 288 -12.14 -5.69 -1.79
CA SER A 288 -12.79 -6.03 -3.06
C SER A 288 -12.45 -5.00 -4.13
N VAL A 289 -12.31 -3.71 -3.76
CA VAL A 289 -11.96 -2.69 -4.77
C VAL A 289 -10.58 -3.03 -5.37
N TYR A 290 -9.64 -3.39 -4.48
CA TYR A 290 -8.30 -3.80 -4.88
C TYR A 290 -8.37 -5.07 -5.72
N ARG A 291 -9.17 -6.07 -5.27
CA ARG A 291 -9.32 -7.30 -6.02
C ARG A 291 -9.96 -7.03 -7.38
N GLN A 292 -10.72 -5.93 -7.49
CA GLN A 292 -11.37 -5.52 -8.73
C GLN A 292 -10.36 -4.81 -9.65
N HIS A 293 -9.50 -3.97 -9.06
CA HIS A 293 -8.47 -3.30 -9.83
C HIS A 293 -7.49 -4.35 -10.37
N ALA A 294 -7.10 -5.30 -9.50
CA ALA A 294 -6.18 -6.39 -9.85
C ALA A 294 -6.70 -7.17 -11.06
N ASN A 295 -8.03 -7.24 -11.21
CA ASN A 295 -8.68 -7.91 -12.32
C ASN A 295 -8.48 -7.09 -13.60
N ARG A 296 -8.63 -5.76 -13.48
CA ARG A 296 -8.52 -4.82 -14.61
C ARG A 296 -7.10 -4.84 -15.21
N LEU A 297 -6.08 -4.90 -14.34
CA LEU A 297 -4.70 -4.97 -14.78
C LEU A 297 -4.49 -6.28 -15.56
N LYS A 298 -5.03 -7.40 -15.02
CA LYS A 298 -4.95 -8.70 -15.68
C LYS A 298 -5.59 -8.58 -17.05
N LEU A 299 -6.78 -7.95 -17.08
CA LEU A 299 -7.56 -7.75 -18.29
C LEU A 299 -6.84 -6.77 -19.24
N GLN A 300 -5.87 -6.02 -18.72
CA GLN A 300 -5.06 -5.12 -19.55
C GLN A 300 -3.77 -5.83 -19.95
N GLY A 301 -3.67 -7.13 -19.62
CA GLY A 301 -2.51 -7.94 -19.92
C GLY A 301 -1.27 -7.40 -19.20
N LEU A 302 -1.51 -6.80 -18.02
CA LEU A 302 -0.44 -6.28 -17.19
C LEU A 302 -0.23 -7.28 -16.03
N GLU B 18 -22.52 -7.17 -20.21
CA GLU B 18 -22.16 -6.83 -18.81
C GLU B 18 -22.36 -5.33 -18.54
N ASN B 19 -22.61 -4.56 -19.61
CA ASN B 19 -22.79 -3.13 -19.47
C ASN B 19 -24.12 -2.82 -18.78
N THR B 20 -24.94 -3.86 -18.61
CA THR B 20 -26.25 -3.73 -18.00
C THR B 20 -26.14 -3.96 -16.49
N TYR B 21 -25.05 -4.61 -16.05
CA TYR B 21 -24.92 -5.04 -14.66
C TYR B 21 -23.88 -4.20 -13.91
N LEU B 22 -22.90 -3.68 -14.63
CA LEU B 22 -21.78 -2.98 -14.02
C LEU B 22 -22.03 -1.47 -13.91
N SER B 23 -21.28 -0.83 -13.00
CA SER B 23 -21.29 0.61 -12.80
C SER B 23 -20.21 1.22 -13.71
N LYS B 24 -20.25 2.55 -13.90
CA LYS B 24 -19.34 3.21 -14.83
C LYS B 24 -17.87 2.87 -14.57
N SER B 25 -17.53 2.58 -13.30
CA SER B 25 -16.15 2.35 -12.92
C SER B 25 -15.71 0.91 -13.17
N GLN B 26 -16.68 0.02 -13.47
CA GLN B 26 -16.40 -1.41 -13.67
C GLN B 26 -16.38 -1.79 -15.16
N GLN B 27 -16.71 -0.81 -16.01
CA GLN B 27 -16.78 -0.99 -17.46
C GLN B 27 -15.47 -1.59 -18.00
N ASP B 28 -14.57 -1.99 -17.10
CA ASP B 28 -13.27 -2.50 -17.50
C ASP B 28 -12.82 -3.62 -16.56
N THR B 29 -13.78 -4.45 -16.13
CA THR B 29 -13.50 -5.57 -15.24
C THR B 29 -14.46 -6.72 -15.52
N GLN B 30 -14.16 -7.88 -14.90
CA GLN B 30 -15.04 -9.04 -14.97
C GLN B 30 -15.88 -9.09 -13.70
N VAL B 31 -16.96 -9.90 -13.73
CA VAL B 31 -17.82 -10.08 -12.56
C VAL B 31 -17.20 -11.15 -11.66
N ASN B 32 -16.96 -10.75 -10.40
CA ASN B 32 -16.22 -11.52 -9.41
C ASN B 32 -17.04 -12.70 -8.86
N CYS B 33 -18.24 -12.91 -9.41
CA CYS B 33 -19.14 -13.93 -8.88
C CYS B 33 -18.72 -15.33 -9.30
N GLN B 34 -17.83 -15.90 -8.50
CA GLN B 34 -17.37 -17.27 -8.64
C GLN B 34 -18.07 -18.10 -7.57
N LEU B 35 -19.35 -18.41 -7.80
CA LEU B 35 -20.17 -19.08 -6.80
C LEU B 35 -20.18 -20.59 -7.02
N LYS B 36 -19.59 -21.32 -6.06
CA LYS B 36 -19.46 -22.76 -6.13
C LYS B 36 -20.78 -23.47 -5.85
N ILE B 37 -21.21 -24.26 -6.83
CA ILE B 37 -22.41 -25.08 -6.78
C ILE B 37 -21.97 -26.50 -6.43
N ASN B 38 -22.74 -27.19 -5.57
CA ASN B 38 -22.35 -28.53 -5.13
C ASN B 38 -22.67 -29.59 -6.20
N SER B 39 -22.49 -30.86 -5.83
CA SER B 39 -22.71 -31.98 -6.73
C SER B 39 -24.20 -32.29 -6.88
N SER B 40 -25.06 -31.28 -6.68
CA SER B 40 -26.50 -31.48 -6.83
C SER B 40 -27.23 -30.15 -7.08
N GLN B 41 -26.45 -29.12 -7.44
CA GLN B 41 -26.91 -27.76 -7.71
C GLN B 41 -27.54 -27.09 -6.46
N HIS B 42 -26.73 -27.04 -5.41
CA HIS B 42 -27.03 -26.36 -4.17
C HIS B 42 -25.83 -25.46 -3.89
N LEU B 43 -26.08 -24.14 -3.77
CA LEU B 43 -25.04 -23.15 -3.52
C LEU B 43 -24.24 -23.49 -2.28
N VAL B 44 -22.94 -23.71 -2.47
CA VAL B 44 -22.07 -23.90 -1.32
C VAL B 44 -21.42 -22.56 -1.03
N VAL B 45 -21.73 -22.02 0.16
CA VAL B 45 -21.24 -20.71 0.58
C VAL B 45 -19.76 -20.80 0.91
N ASN B 46 -18.97 -20.05 0.14
CA ASN B 46 -17.52 -19.98 0.30
C ASN B 46 -17.11 -18.51 0.34
N SER B 47 -15.84 -18.28 0.63
CA SER B 47 -15.31 -16.94 0.79
C SER B 47 -15.71 -16.04 -0.41
N GLN B 48 -15.76 -16.64 -1.61
CA GLN B 48 -16.06 -15.91 -2.85
C GLN B 48 -17.51 -15.40 -2.88
N THR B 49 -18.42 -16.16 -2.27
CA THR B 49 -19.80 -15.76 -2.24
C THR B 49 -19.89 -14.31 -1.78
N ARG B 50 -19.09 -13.98 -0.76
CA ARG B 50 -19.00 -12.63 -0.22
C ARG B 50 -18.50 -11.67 -1.31
N ASP B 51 -17.33 -12.03 -1.90
CA ASP B 51 -16.68 -11.25 -2.93
C ASP B 51 -17.69 -10.86 -4.00
N CYS B 52 -18.60 -11.81 -4.30
CA CYS B 52 -19.65 -11.64 -5.29
C CYS B 52 -20.54 -10.45 -4.91
N PHE B 53 -21.06 -10.49 -3.68
CA PHE B 53 -21.93 -9.45 -3.18
C PHE B 53 -21.16 -8.14 -3.18
N GLU B 54 -20.00 -8.14 -2.50
CA GLU B 54 -19.14 -6.98 -2.41
C GLU B 54 -18.94 -6.38 -3.78
N TYR B 55 -18.79 -7.24 -4.79
CA TYR B 55 -18.57 -6.77 -6.14
C TYR B 55 -19.67 -5.76 -6.51
N PHE B 56 -20.93 -6.18 -6.36
CA PHE B 56 -22.04 -5.31 -6.71
C PHE B 56 -22.17 -4.15 -5.74
N ILE B 57 -21.99 -4.43 -4.46
CA ILE B 57 -22.11 -3.43 -3.41
C ILE B 57 -21.26 -2.20 -3.73
N THR B 58 -20.13 -2.44 -4.41
CA THR B 58 -19.18 -1.41 -4.75
C THR B 58 -19.87 -0.32 -5.57
N GLN B 59 -20.90 -0.72 -6.32
CA GLN B 59 -21.65 0.18 -7.20
C GLN B 59 -22.32 1.27 -6.37
N TYR B 60 -22.67 0.92 -5.13
CA TYR B 60 -23.27 1.92 -4.28
C TYR B 60 -22.31 3.10 -4.20
N GLY B 61 -22.85 4.31 -4.14
CA GLY B 61 -22.02 5.50 -4.13
C GLY B 61 -21.96 6.08 -5.53
N GLU B 62 -22.07 5.18 -6.53
CA GLU B 62 -22.16 5.58 -7.92
C GLU B 62 -23.62 5.41 -8.34
N SER B 63 -24.24 4.39 -7.75
CA SER B 63 -25.62 4.01 -7.97
C SER B 63 -26.40 4.36 -6.70
N ASN B 64 -27.73 4.17 -6.77
CA ASN B 64 -28.58 4.25 -5.60
C ASN B 64 -28.79 2.81 -5.13
N LEU B 65 -29.39 2.64 -3.94
CA LEU B 65 -29.54 1.32 -3.33
C LEU B 65 -30.40 0.37 -4.17
N GLN B 66 -31.34 0.92 -4.95
CA GLN B 66 -32.26 0.13 -5.77
C GLN B 66 -31.51 -0.48 -6.96
N LYS B 67 -30.79 0.37 -7.71
CA LYS B 67 -30.03 -0.09 -8.85
C LYS B 67 -29.11 -1.24 -8.44
N VAL B 68 -28.51 -1.12 -7.25
CA VAL B 68 -27.57 -2.12 -6.75
C VAL B 68 -28.26 -3.49 -6.62
N LYS B 69 -29.57 -3.46 -6.31
CA LYS B 69 -30.36 -4.67 -6.21
C LYS B 69 -30.72 -5.14 -7.62
N THR B 70 -31.29 -4.22 -8.42
CA THR B 70 -31.66 -4.50 -9.80
C THR B 70 -30.54 -5.28 -10.46
N HIS B 71 -29.39 -4.61 -10.60
CA HIS B 71 -28.21 -5.17 -11.26
C HIS B 71 -27.97 -6.61 -10.74
N PHE B 72 -27.81 -6.75 -9.42
CA PHE B 72 -27.46 -8.03 -8.81
C PHE B 72 -28.47 -9.10 -9.18
N GLU B 73 -29.76 -8.80 -9.02
CA GLU B 73 -30.81 -9.76 -9.30
C GLU B 73 -30.78 -10.15 -10.78
N LYS B 74 -30.78 -9.14 -11.65
CA LYS B 74 -30.79 -9.35 -13.10
C LYS B 74 -29.60 -10.22 -13.49
N PHE B 75 -28.44 -10.01 -12.84
CA PHE B 75 -27.24 -10.78 -13.13
C PHE B 75 -27.45 -12.25 -12.76
N ILE B 76 -27.84 -12.51 -11.50
CA ILE B 76 -28.01 -13.86 -11.01
C ILE B 76 -29.06 -14.59 -11.84
N GLN B 77 -30.14 -13.88 -12.20
CA GLN B 77 -31.20 -14.48 -13.01
C GLN B 77 -30.61 -15.07 -14.28
N ASP B 78 -29.81 -14.26 -14.99
CA ASP B 78 -29.26 -14.62 -16.28
C ASP B 78 -28.11 -15.61 -16.16
N GLN B 79 -27.61 -15.85 -14.94
CA GLN B 79 -26.48 -16.76 -14.79
C GLN B 79 -26.93 -18.11 -14.20
N TYR B 80 -27.53 -18.07 -13.01
CA TYR B 80 -27.90 -19.29 -12.34
C TYR B 80 -29.41 -19.48 -12.37
N LEU B 81 -29.85 -20.75 -12.24
CA LEU B 81 -31.27 -21.12 -12.17
C LEU B 81 -31.60 -21.70 -10.80
N GLU B 82 -32.71 -22.44 -10.75
CA GLU B 82 -33.20 -23.06 -9.52
C GLU B 82 -32.35 -24.29 -9.22
N PRO B 83 -32.15 -24.66 -7.92
CA PRO B 83 -32.71 -23.90 -6.81
C PRO B 83 -31.80 -22.78 -6.33
N ALA B 84 -30.49 -22.99 -6.51
CA ALA B 84 -29.45 -22.08 -6.05
C ALA B 84 -29.87 -20.60 -6.19
N ARG B 85 -30.48 -20.24 -7.33
CA ARG B 85 -30.91 -18.87 -7.59
C ARG B 85 -31.59 -18.29 -6.35
N SER B 86 -32.64 -18.98 -5.91
CA SER B 86 -33.41 -18.57 -4.76
C SER B 86 -32.47 -18.25 -3.60
N GLN B 87 -31.79 -19.30 -3.11
CA GLN B 87 -30.85 -19.27 -1.99
C GLN B 87 -29.95 -18.04 -2.09
N ILE B 88 -29.45 -17.78 -3.31
CA ILE B 88 -28.56 -16.67 -3.59
C ILE B 88 -29.22 -15.34 -3.23
N ILE B 89 -30.35 -15.03 -3.90
CA ILE B 89 -31.06 -13.77 -3.67
C ILE B 89 -31.46 -13.68 -2.18
N ASP B 90 -31.91 -14.82 -1.63
CA ASP B 90 -32.31 -14.93 -0.22
C ASP B 90 -31.16 -14.46 0.66
N LEU B 91 -29.97 -15.05 0.46
CA LEU B 91 -28.79 -14.72 1.25
C LEU B 91 -28.36 -13.27 0.99
N TRP B 92 -28.53 -12.80 -0.26
CA TRP B 92 -28.21 -11.43 -0.66
C TRP B 92 -29.03 -10.44 0.17
N THR B 93 -30.35 -10.66 0.21
CA THR B 93 -31.24 -9.79 0.96
C THR B 93 -30.76 -9.70 2.41
N ARG B 94 -30.47 -10.88 2.99
CA ARG B 94 -30.04 -11.04 4.38
C ARG B 94 -28.63 -10.48 4.59
N TYR B 95 -27.94 -10.23 3.49
CA TYR B 95 -26.60 -9.67 3.57
C TYR B 95 -26.72 -8.16 3.55
N LEU B 96 -27.58 -7.63 2.67
CA LEU B 96 -27.78 -6.18 2.58
C LEU B 96 -28.30 -5.65 3.91
N LYS B 97 -29.38 -6.26 4.39
CA LYS B 97 -29.97 -5.88 5.66
C LYS B 97 -28.93 -6.08 6.76
N TYR B 98 -27.89 -6.87 6.45
CA TYR B 98 -26.78 -7.08 7.37
C TYR B 98 -25.87 -5.85 7.34
N ARG B 99 -25.50 -5.41 6.13
CA ARG B 99 -24.65 -4.24 5.92
C ARG B 99 -25.21 -3.06 6.70
N GLU B 100 -26.51 -2.81 6.56
CA GLU B 100 -27.19 -1.69 7.19
C GLU B 100 -27.20 -1.84 8.72
N GLN B 101 -27.45 -3.08 9.20
CA GLN B 101 -27.59 -3.37 10.63
C GLN B 101 -26.22 -3.50 11.30
N LEU B 102 -25.18 -2.97 10.64
CA LEU B 102 -23.84 -2.95 11.20
C LEU B 102 -23.58 -1.57 11.82
N ALA B 103 -24.56 -0.67 11.65
CA ALA B 103 -24.51 0.66 12.22
C ALA B 103 -25.00 0.62 13.67
N GLN B 104 -25.49 -0.57 14.08
CA GLN B 104 -26.06 -0.78 15.42
C GLN B 104 -24.99 -1.27 16.39
N ILE B 105 -23.79 -0.69 16.31
CA ILE B 105 -22.72 -1.00 17.25
C ILE B 105 -22.23 0.32 17.85
N GLN B 106 -22.51 0.52 19.16
CA GLN B 106 -22.20 1.76 19.87
C GLN B 106 -20.78 1.75 20.43
N PRO B 107 -20.10 2.94 20.47
CA PRO B 107 -18.74 3.05 21.03
C PRO B 107 -18.70 2.90 22.55
N SER B 108 -18.07 1.83 23.03
CA SER B 108 -17.92 1.60 24.47
C SER B 108 -16.87 2.54 25.06
N GLN B 109 -17.05 2.92 26.34
CA GLN B 109 -16.20 3.87 27.02
C GLN B 109 -14.95 3.19 27.60
N SER B 110 -13.78 3.51 27.01
CA SER B 110 -12.48 2.98 27.44
C SER B 110 -11.36 3.60 26.60
N LYS B 111 -10.10 3.29 26.95
CA LYS B 111 -8.95 3.75 26.19
C LYS B 111 -9.06 3.14 24.80
N GLN B 112 -9.55 3.94 23.84
CA GLN B 112 -9.86 3.50 22.48
C GLN B 112 -8.64 2.91 21.77
N GLN B 113 -7.53 2.74 22.51
CA GLN B 113 -6.35 2.09 21.98
C GLN B 113 -5.93 1.00 22.99
N ASP B 114 -6.74 -0.06 23.03
CA ASP B 114 -6.63 -1.21 23.92
C ASP B 114 -7.39 -2.39 23.28
N GLN B 115 -6.75 -3.58 23.27
CA GLN B 115 -7.30 -4.78 22.63
C GLN B 115 -8.73 -5.05 23.10
N ASN B 116 -8.93 -5.04 24.43
CA ASN B 116 -10.21 -5.35 25.05
C ASN B 116 -11.30 -4.46 24.43
N TYR B 117 -10.87 -3.53 23.55
CA TYR B 117 -11.76 -2.64 22.79
C TYR B 117 -12.06 -3.29 21.44
N PHE B 118 -11.00 -3.44 20.63
CA PHE B 118 -11.11 -4.01 19.29
C PHE B 118 -11.84 -5.33 19.37
N GLN B 119 -11.49 -6.12 20.39
CA GLN B 119 -12.12 -7.39 20.60
C GLN B 119 -13.64 -7.18 20.69
N LYS B 120 -14.08 -6.32 21.62
CA LYS B 120 -15.52 -6.09 21.81
C LYS B 120 -16.15 -5.59 20.51
N VAL B 121 -15.45 -4.68 19.81
CA VAL B 121 -15.94 -4.11 18.58
C VAL B 121 -16.14 -5.22 17.54
N PHE B 122 -15.33 -6.28 17.64
CA PHE B 122 -15.44 -7.42 16.75
C PHE B 122 -16.61 -8.30 17.22
N ASN B 123 -16.73 -8.49 18.54
CA ASN B 123 -17.77 -9.31 19.16
C ASN B 123 -19.15 -8.78 18.75
N SER B 124 -19.30 -7.45 18.82
CA SER B 124 -20.55 -6.77 18.47
C SER B 124 -21.01 -7.18 17.08
N ILE B 125 -20.06 -7.35 16.16
CA ILE B 125 -20.36 -7.72 14.79
C ILE B 125 -20.77 -9.20 14.76
N GLN B 126 -19.97 -10.06 15.41
CA GLN B 126 -20.27 -11.48 15.52
C GLN B 126 -21.73 -11.65 15.95
N ASP B 127 -22.15 -10.87 16.95
CA ASP B 127 -23.51 -11.02 17.45
C ASP B 127 -24.54 -10.58 16.41
N ILE B 128 -24.20 -9.59 15.58
CA ILE B 128 -25.10 -9.13 14.52
C ILE B 128 -25.19 -10.22 13.45
N ARG B 129 -24.06 -10.90 13.19
CA ARG B 129 -24.02 -11.96 12.18
C ARG B 129 -24.98 -13.09 12.54
N LYS B 130 -25.11 -13.37 13.85
CA LYS B 130 -25.98 -14.44 14.32
C LYS B 130 -27.44 -14.02 14.18
N ARG B 131 -27.65 -12.77 13.76
CA ARG B 131 -28.99 -12.23 13.58
C ARG B 131 -29.47 -12.45 12.15
N PHE B 132 -28.54 -12.78 11.24
CA PHE B 132 -28.89 -12.91 9.83
C PHE B 132 -28.34 -14.19 9.19
N PHE B 133 -27.40 -14.88 9.86
CA PHE B 133 -26.81 -16.07 9.26
C PHE B 133 -26.77 -17.21 10.27
N SER B 134 -26.46 -18.42 9.77
CA SER B 134 -26.32 -19.61 10.60
C SER B 134 -24.84 -19.97 10.67
N ALA B 135 -24.46 -20.78 11.67
CA ALA B 135 -23.08 -21.19 11.88
C ALA B 135 -22.38 -21.48 10.55
N SER B 136 -23.05 -22.35 9.74
CA SER B 136 -22.54 -22.80 8.44
C SER B 136 -22.28 -21.62 7.50
N GLU B 137 -23.23 -20.68 7.40
CA GLU B 137 -23.12 -19.52 6.52
C GLU B 137 -22.03 -18.57 7.03
N ILE B 138 -22.11 -18.23 8.34
CA ILE B 138 -21.11 -17.39 9.01
C ILE B 138 -19.73 -17.94 8.67
N GLU B 139 -19.57 -19.27 8.83
CA GLU B 139 -18.31 -19.94 8.52
C GLU B 139 -17.92 -19.71 7.06
N GLY B 140 -18.89 -19.84 6.15
CA GLY B 140 -18.61 -19.80 4.72
C GLY B 140 -18.22 -18.40 4.24
N LEU B 141 -18.87 -17.38 4.81
CA LEU B 141 -18.71 -16.00 4.36
C LEU B 141 -17.50 -15.31 5.01
N PHE B 142 -17.09 -15.76 6.20
CA PHE B 142 -16.16 -14.96 6.97
C PHE B 142 -14.96 -15.75 7.51
N SER B 143 -15.18 -17.01 7.87
CA SER B 143 -14.16 -17.85 8.50
C SER B 143 -12.76 -17.42 8.12
N THR B 144 -12.46 -17.51 6.81
CA THR B 144 -11.16 -17.17 6.24
C THR B 144 -10.64 -15.85 6.83
N GLU B 145 -11.35 -14.74 6.53
CA GLU B 145 -10.96 -13.42 7.02
C GLU B 145 -10.83 -13.45 8.54
N ASP B 146 -11.82 -14.06 9.20
CA ASP B 146 -11.82 -14.17 10.65
C ASP B 146 -10.48 -14.69 11.15
N ILE B 147 -10.01 -15.80 10.59
CA ILE B 147 -8.78 -16.41 11.06
C ILE B 147 -7.72 -15.32 11.25
N TYR B 148 -7.52 -14.52 10.19
CA TYR B 148 -6.51 -13.47 10.18
C TYR B 148 -6.89 -12.40 11.20
N GLN B 149 -8.17 -12.03 11.25
CA GLN B 149 -8.57 -10.99 12.20
C GLN B 149 -8.17 -11.39 13.61
N ASN B 150 -8.59 -12.59 14.03
CA ASN B 150 -8.29 -13.13 15.35
C ASN B 150 -6.79 -13.21 15.56
N TYR B 151 -6.08 -13.65 14.50
CA TYR B 151 -4.63 -13.73 14.56
C TYR B 151 -4.06 -12.36 14.93
N THR B 152 -4.57 -11.32 14.27
CA THR B 152 -4.10 -9.96 14.46
C THR B 152 -4.46 -9.47 15.87
N LEU B 153 -5.72 -9.67 16.26
CA LEU B 153 -6.18 -9.25 17.57
C LEU B 153 -5.30 -9.88 18.64
N ASP B 154 -5.21 -11.21 18.61
CA ASP B 154 -4.48 -12.01 19.58
C ASP B 154 -3.07 -11.41 19.80
N ARG B 155 -2.32 -11.22 18.70
CA ARG B 155 -0.99 -10.64 18.76
C ARG B 155 -0.99 -9.39 19.64
N MET B 156 -1.97 -8.50 19.37
CA MET B 156 -2.08 -7.25 20.11
C MET B 156 -2.05 -7.52 21.62
N LYS B 157 -2.85 -8.50 22.08
CA LYS B 157 -2.99 -8.77 23.51
C LYS B 157 -1.70 -9.40 24.06
N ILE B 158 -1.04 -10.22 23.20
CA ILE B 158 0.24 -10.83 23.56
C ILE B 158 1.33 -9.75 23.70
N LEU B 159 1.16 -8.64 22.97
CA LEU B 159 2.12 -7.53 23.03
C LEU B 159 1.78 -6.60 24.20
N GLU B 160 0.48 -6.40 24.46
CA GLU B 160 0.04 -5.47 25.49
C GLU B 160 0.12 -6.12 26.87
N ASP B 161 0.20 -7.46 26.92
CA ASP B 161 0.42 -8.16 28.18
C ASP B 161 1.83 -7.83 28.69
N SER B 162 1.93 -6.80 29.54
CA SER B 162 3.21 -6.33 30.05
C SER B 162 3.58 -7.03 31.35
N SER B 163 3.28 -8.32 31.43
CA SER B 163 3.68 -9.15 32.56
C SER B 163 4.58 -10.26 32.03
N LEU B 164 4.94 -10.13 30.74
CA LEU B 164 5.79 -11.09 30.04
C LEU B 164 7.03 -10.37 29.52
N SER B 165 8.15 -11.10 29.49
CA SER B 165 9.40 -10.59 28.94
C SER B 165 9.28 -10.59 27.42
N GLU B 166 10.02 -9.70 26.77
CA GLU B 166 9.94 -9.62 25.32
C GLU B 166 10.34 -10.96 24.74
N ILE B 167 11.33 -11.61 25.36
CA ILE B 167 11.86 -12.89 24.93
C ILE B 167 10.74 -13.95 24.99
N GLU B 168 9.76 -13.72 25.87
CA GLU B 168 8.65 -14.64 26.08
C GLU B 168 7.54 -14.29 25.08
N LYS B 169 7.31 -12.98 24.91
CA LYS B 169 6.31 -12.48 23.98
C LYS B 169 6.63 -13.01 22.58
N ALA B 170 7.91 -12.86 22.19
CA ALA B 170 8.37 -13.34 20.91
C ALA B 170 8.06 -14.84 20.77
N LYS B 171 8.26 -15.59 21.87
CA LYS B 171 8.05 -17.02 21.85
C LYS B 171 6.55 -17.30 21.64
N LYS B 172 5.70 -16.58 22.38
CA LYS B 172 4.25 -16.76 22.27
C LYS B 172 3.76 -16.37 20.87
N LEU B 173 4.41 -15.37 20.26
CA LEU B 173 4.06 -14.94 18.91
C LEU B 173 4.34 -16.07 17.93
N LYS B 174 5.54 -16.67 18.05
CA LYS B 174 5.95 -17.76 17.18
C LYS B 174 5.02 -18.95 17.39
N GLU B 175 4.64 -19.19 18.66
CA GLU B 175 3.74 -20.29 18.98
C GLU B 175 2.35 -20.05 18.36
N ARG B 176 1.85 -18.81 18.49
CA ARG B 176 0.54 -18.44 17.96
C ARG B 176 0.56 -18.53 16.42
N PHE B 177 1.68 -18.16 15.81
CA PHE B 177 1.81 -18.24 14.36
C PHE B 177 1.62 -19.69 13.92
N GLU B 178 2.24 -20.62 14.66
CA GLU B 178 2.23 -22.04 14.32
C GLU B 178 0.84 -22.66 14.48
N GLN B 179 -0.10 -21.90 15.05
CA GLN B 179 -1.44 -22.42 15.30
C GLN B 179 -2.35 -22.19 14.09
N LEU B 180 -1.92 -21.30 13.18
CA LEU B 180 -2.73 -20.97 12.01
C LEU B 180 -2.82 -22.18 11.09
N PRO B 181 -3.87 -22.28 10.23
CA PRO B 181 -3.97 -23.38 9.26
C PRO B 181 -2.78 -23.20 8.31
N GLU B 182 -2.04 -24.29 8.11
CA GLU B 182 -0.78 -24.28 7.37
C GLU B 182 -0.82 -23.31 6.18
N ASP B 183 -1.94 -23.29 5.45
CA ASP B 183 -2.12 -22.43 4.29
C ASP B 183 -1.61 -21.01 4.56
N TRP B 184 -2.19 -20.40 5.60
CA TRP B 184 -1.86 -19.05 6.02
C TRP B 184 -0.36 -18.90 6.26
N GLN B 185 0.26 -19.91 6.89
CA GLN B 185 1.69 -19.84 7.16
C GLN B 185 2.45 -19.70 5.84
N GLU B 186 2.20 -20.62 4.91
CA GLU B 186 2.85 -20.63 3.62
C GLU B 186 2.61 -19.29 2.91
N ASN B 187 1.35 -18.83 2.91
CA ASN B 187 1.00 -17.60 2.21
C ASN B 187 1.77 -16.41 2.79
N LEU B 188 1.64 -16.22 4.11
CA LEU B 188 2.31 -15.12 4.79
C LEU B 188 3.82 -15.19 4.53
N GLN B 189 4.41 -16.38 4.70
CA GLN B 189 5.83 -16.54 4.46
C GLN B 189 6.19 -16.11 3.04
N GLU B 190 5.23 -16.29 2.10
CA GLU B 190 5.43 -15.91 0.70
C GLU B 190 5.40 -14.39 0.61
N LEU B 191 4.48 -13.78 1.37
CA LEU B 191 4.29 -12.34 1.33
C LEU B 191 5.40 -11.61 2.12
N SER B 192 6.21 -12.39 2.85
CA SER B 192 7.28 -11.79 3.65
C SER B 192 8.66 -12.22 3.13
N LYS B 193 8.66 -13.02 2.07
CA LYS B 193 9.87 -13.58 1.49
C LYS B 193 10.90 -12.47 1.22
N LEU B 194 10.44 -11.37 0.61
CA LEU B 194 11.31 -10.26 0.27
C LEU B 194 12.04 -9.75 1.52
N ASP B 195 11.34 -9.73 2.67
CA ASP B 195 11.92 -9.27 3.91
C ASP B 195 12.91 -10.33 4.42
N ASP B 196 12.49 -11.61 4.36
CA ASP B 196 13.35 -12.71 4.75
C ASP B 196 14.68 -12.64 4.02
N LEU B 197 14.64 -12.27 2.74
CA LEU B 197 15.86 -12.18 1.93
C LEU B 197 16.78 -11.12 2.52
N HIS B 198 16.25 -9.90 2.68
CA HIS B 198 16.98 -8.78 3.28
C HIS B 198 17.60 -9.22 4.60
N THR B 199 16.76 -9.79 5.49
CA THR B 199 17.18 -10.22 6.81
C THR B 199 18.48 -11.01 6.74
N LEU B 200 18.45 -12.14 6.03
CA LEU B 200 19.59 -13.04 5.93
C LEU B 200 20.74 -12.41 5.16
N THR B 201 20.44 -11.66 4.09
CA THR B 201 21.47 -11.00 3.29
C THR B 201 22.28 -10.05 4.18
N LYS B 202 21.56 -9.30 5.03
CA LYS B 202 22.17 -8.29 5.89
C LYS B 202 22.84 -8.95 7.09
N GLN B 203 22.27 -10.07 7.59
CA GLN B 203 22.88 -10.78 8.71
C GLN B 203 24.19 -11.44 8.27
N ILE B 204 24.08 -12.36 7.31
CA ILE B 204 25.22 -13.13 6.81
C ILE B 204 26.37 -12.20 6.38
N LYS B 205 26.06 -11.03 5.84
CA LYS B 205 27.09 -10.11 5.35
C LYS B 205 27.62 -9.20 6.47
N ALA B 206 26.96 -9.18 7.63
CA ALA B 206 27.40 -8.31 8.72
C ALA B 206 28.56 -8.94 9.50
N ARG B 207 28.95 -10.17 9.12
CA ARG B 207 30.05 -10.88 9.77
C ARG B 207 30.99 -11.50 8.72
N ASN B 208 30.79 -11.12 7.45
CA ASN B 208 31.66 -11.49 6.34
C ASN B 208 31.60 -13.00 6.04
N GLY B 209 30.42 -13.49 5.64
CA GLY B 209 30.28 -14.89 5.26
C GLY B 209 30.87 -15.14 3.86
N SER B 210 30.99 -16.42 3.49
CA SER B 210 31.51 -16.78 2.19
C SER B 210 30.42 -16.65 1.13
N ALA B 211 30.83 -16.47 -0.13
CA ALA B 211 29.91 -16.34 -1.24
C ALA B 211 29.06 -17.61 -1.35
N GLU B 212 29.65 -18.76 -0.94
CA GLU B 212 28.98 -20.05 -1.01
C GLU B 212 27.83 -20.10 0.00
N GLU B 213 28.08 -19.63 1.22
CA GLU B 213 27.08 -19.60 2.28
C GLU B 213 25.86 -18.80 1.79
N LEU B 214 26.15 -17.62 1.22
CA LEU B 214 25.15 -16.71 0.67
C LEU B 214 24.43 -17.43 -0.47
N ARG B 215 25.20 -18.15 -1.32
CA ARG B 215 24.66 -18.89 -2.45
C ARG B 215 23.65 -19.95 -1.97
N GLN B 216 24.01 -20.69 -0.90
CA GLN B 216 23.12 -21.70 -0.35
C GLN B 216 21.90 -21.04 0.25
N MET B 217 22.14 -19.97 1.03
CA MET B 217 21.07 -19.24 1.70
C MET B 217 20.06 -18.76 0.66
N ARG B 218 20.56 -18.25 -0.48
CA ARG B 218 19.70 -17.78 -1.56
C ARG B 218 19.01 -18.98 -2.23
N THR B 219 19.83 -19.94 -2.69
CA THR B 219 19.35 -21.14 -3.37
C THR B 219 18.22 -21.78 -2.56
N ALA B 220 18.27 -21.59 -1.24
CA ALA B 220 17.28 -22.15 -0.34
C ALA B 220 15.95 -21.39 -0.43
N LEU B 221 16.04 -20.04 -0.38
CA LEU B 221 14.86 -19.20 -0.27
C LEU B 221 14.24 -18.84 -1.63
N VAL B 222 15.06 -18.74 -2.69
CA VAL B 222 14.55 -18.31 -3.99
C VAL B 222 14.86 -19.34 -5.09
N GLY B 223 15.98 -20.08 -4.94
CA GLY B 223 16.36 -21.08 -5.93
C GLY B 223 17.51 -20.61 -6.82
N ALA B 224 18.16 -21.57 -7.49
CA ALA B 224 19.31 -21.30 -8.33
C ALA B 224 19.04 -20.16 -9.30
N GLU B 225 18.04 -20.37 -10.16
CA GLU B 225 17.67 -19.45 -11.24
C GLU B 225 17.65 -18.01 -10.73
N ALA B 226 16.96 -17.80 -9.61
CA ALA B 226 16.87 -16.47 -9.02
C ALA B 226 18.24 -16.06 -8.50
N THR B 227 18.83 -16.91 -7.64
CA THR B 227 20.13 -16.67 -7.04
C THR B 227 21.05 -16.01 -8.07
N GLN B 228 21.12 -16.63 -9.25
CA GLN B 228 22.03 -16.18 -10.30
C GLN B 228 21.72 -14.75 -10.74
N ARG B 229 20.45 -14.45 -11.04
CA ARG B 229 20.08 -13.10 -11.46
C ARG B 229 20.34 -12.11 -10.30
N LEU B 230 20.20 -12.60 -9.05
CA LEU B 230 20.46 -11.80 -7.86
C LEU B 230 21.94 -11.39 -7.87
N GLU B 231 22.79 -12.40 -8.13
CA GLU B 231 24.22 -12.20 -8.26
C GLU B 231 24.48 -11.19 -9.38
N THR B 232 23.71 -11.33 -10.49
CA THR B 232 23.78 -10.43 -11.64
C THR B 232 23.49 -9.00 -11.19
N LEU B 233 22.50 -8.85 -10.30
CA LEU B 233 22.10 -7.55 -9.80
C LEU B 233 23.20 -6.93 -8.93
N ASP B 234 23.73 -7.74 -7.97
CA ASP B 234 24.81 -7.28 -7.09
C ASP B 234 25.80 -6.45 -7.90
N ILE B 235 26.28 -7.07 -8.98
CA ILE B 235 27.27 -6.52 -9.89
C ILE B 235 26.79 -5.16 -10.43
N GLN B 236 25.56 -5.14 -10.98
CA GLN B 236 24.98 -3.94 -11.57
C GLN B 236 24.96 -2.81 -10.54
N ARG B 237 24.63 -3.16 -9.29
CA ARG B 237 24.60 -2.15 -8.24
C ARG B 237 26.02 -1.67 -7.96
N ASN B 238 26.96 -2.62 -7.80
CA ASN B 238 28.34 -2.24 -7.56
C ASN B 238 28.76 -1.20 -8.59
N ALA B 239 28.54 -1.53 -9.87
CA ALA B 239 28.88 -0.66 -10.99
C ALA B 239 28.31 0.74 -10.75
N TRP B 240 26.97 0.82 -10.78
CA TRP B 240 26.24 2.06 -10.59
C TRP B 240 26.83 2.86 -9.43
N GLN B 241 26.98 2.20 -8.29
CA GLN B 241 27.49 2.79 -7.07
C GLN B 241 28.83 3.44 -7.33
N GLN B 242 29.78 2.64 -7.83
CA GLN B 242 31.15 3.10 -8.05
C GLN B 242 31.19 4.25 -9.07
N ARG B 243 30.26 4.21 -10.05
CA ARG B 243 30.17 5.26 -11.08
C ARG B 243 29.86 6.62 -10.41
N VAL B 244 28.89 6.59 -9.49
CA VAL B 244 28.48 7.78 -8.77
C VAL B 244 29.61 8.20 -7.81
N THR B 245 30.16 7.20 -7.09
CA THR B 245 31.26 7.42 -6.16
C THR B 245 32.31 8.25 -6.87
N GLY B 246 32.91 7.62 -7.90
CA GLY B 246 33.98 8.19 -8.70
C GLY B 246 33.54 9.46 -9.42
N TYR B 247 32.22 9.59 -9.67
CA TYR B 247 31.70 10.77 -10.33
C TYR B 247 31.75 11.99 -9.41
N LEU B 248 31.19 11.85 -8.21
CA LEU B 248 31.12 12.98 -7.29
C LEU B 248 32.52 13.47 -6.92
N ASN B 249 33.51 12.56 -6.90
CA ASN B 249 34.89 12.91 -6.59
C ASN B 249 35.39 13.94 -7.59
N GLN B 250 35.14 13.68 -8.89
CA GLN B 250 35.54 14.54 -9.99
C GLN B 250 34.72 15.83 -9.98
N ARG B 251 33.48 15.74 -9.47
CA ARG B 251 32.62 16.92 -9.38
C ARG B 251 33.12 17.85 -8.29
N ASP B 252 33.61 17.25 -7.19
CA ASP B 252 34.14 18.00 -6.05
C ASP B 252 35.44 18.70 -6.43
N GLU B 253 36.28 18.02 -7.24
CA GLU B 253 37.53 18.61 -7.70
C GLU B 253 37.24 19.86 -8.52
N VAL B 254 36.20 19.78 -9.36
CA VAL B 254 35.77 20.87 -10.22
C VAL B 254 35.14 21.97 -9.36
N LEU B 255 34.45 21.57 -8.28
CA LEU B 255 33.82 22.52 -7.37
C LEU B 255 34.87 23.30 -6.58
N HIS B 256 35.94 22.61 -6.14
CA HIS B 256 36.98 23.23 -5.33
C HIS B 256 38.08 23.84 -6.19
N SER B 257 37.79 24.00 -7.50
CA SER B 257 38.72 24.59 -8.46
C SER B 257 38.56 26.11 -8.46
N ASN B 258 39.62 26.80 -8.87
CA ASN B 258 39.62 28.25 -8.96
C ASN B 258 39.07 28.65 -10.32
N MET B 259 37.82 28.23 -10.60
CA MET B 259 37.15 28.54 -11.86
C MET B 259 35.86 29.28 -11.55
N SER B 260 35.13 29.68 -12.60
CA SER B 260 33.87 30.37 -12.43
C SER B 260 32.72 29.37 -12.49
N ASP B 261 31.59 29.79 -11.92
CA ASP B 261 30.38 28.99 -11.77
C ASP B 261 30.02 28.31 -13.10
N SER B 262 29.89 29.12 -14.17
CA SER B 262 29.53 28.61 -15.48
C SER B 262 30.55 27.57 -15.97
N ALA B 263 31.83 27.78 -15.65
CA ALA B 263 32.90 26.88 -16.06
C ALA B 263 32.80 25.56 -15.30
N LYS B 264 32.54 25.65 -13.98
CA LYS B 264 32.38 24.47 -13.14
C LYS B 264 31.16 23.68 -13.59
N LYS B 265 30.05 24.39 -13.89
CA LYS B 265 28.81 23.76 -14.34
C LYS B 265 29.00 23.11 -15.72
N GLN B 266 29.79 23.78 -16.58
CA GLN B 266 30.05 23.21 -17.89
C GLN B 266 30.93 21.95 -17.74
N ALA B 267 32.02 22.05 -16.94
CA ALA B 267 32.94 20.93 -16.70
C ALA B 267 32.17 19.74 -16.13
N ILE B 268 31.38 20.02 -15.10
CA ILE B 268 30.53 19.04 -14.47
C ILE B 268 29.64 18.42 -15.56
N GLN B 269 28.87 19.27 -16.29
CA GLN B 269 27.98 18.79 -17.35
C GLN B 269 28.73 17.80 -18.25
N GLN B 270 29.91 18.22 -18.72
CA GLN B 270 30.72 17.40 -19.60
C GLN B 270 31.04 16.07 -18.92
N LEU B 271 31.38 16.10 -17.63
CA LEU B 271 31.69 14.86 -16.92
C LEU B 271 30.43 13.99 -16.84
N ARG B 272 29.24 14.63 -16.73
CA ARG B 272 27.96 13.96 -16.59
C ARG B 272 27.53 13.31 -17.91
N GLN B 273 27.90 13.94 -19.01
CA GLN B 273 27.49 13.44 -20.32
C GLN B 273 28.48 12.36 -20.79
N GLN B 274 29.64 12.29 -20.15
CA GLN B 274 30.69 11.34 -20.51
C GLN B 274 30.59 10.07 -19.66
N GLN B 275 29.62 10.05 -18.74
CA GLN B 275 29.46 8.91 -17.84
C GLN B 275 28.00 8.51 -17.77
N PHE B 276 27.11 9.50 -17.85
CA PHE B 276 25.68 9.28 -17.79
C PHE B 276 25.05 9.87 -19.05
N SER B 277 24.79 9.00 -20.03
CA SER B 277 24.30 9.42 -21.33
C SER B 277 22.78 9.62 -21.34
N SER B 278 22.03 8.60 -20.89
CA SER B 278 20.57 8.63 -20.94
C SER B 278 20.00 9.63 -19.93
N SER B 279 18.81 10.15 -20.26
CA SER B 279 18.10 11.10 -19.42
C SER B 279 17.82 10.46 -18.07
N GLN B 280 17.60 9.14 -18.11
CA GLN B 280 17.26 8.32 -16.96
C GLN B 280 18.35 8.39 -15.88
N GLU B 281 19.59 8.09 -16.26
CA GLU B 281 20.71 8.11 -15.32
C GLU B 281 20.88 9.53 -14.76
N GLN B 282 20.63 10.54 -15.61
CA GLN B 282 20.77 11.93 -15.26
C GLN B 282 19.80 12.32 -14.13
N LEU B 283 18.64 11.65 -14.06
CA LEU B 283 17.70 11.88 -12.95
C LEU B 283 18.27 11.29 -11.68
N ARG B 284 18.50 9.97 -11.69
CA ARG B 284 19.04 9.28 -10.52
C ARG B 284 20.22 10.07 -9.97
N LEU B 285 21.11 10.51 -10.85
CA LEU B 285 22.29 11.24 -10.41
C LEU B 285 21.87 12.37 -9.46
N ARG B 286 20.91 13.22 -9.90
CA ARG B 286 20.42 14.34 -9.10
C ARG B 286 20.14 13.90 -7.65
N THR B 287 19.54 12.72 -7.51
CA THR B 287 19.20 12.19 -6.20
C THR B 287 20.46 12.18 -5.32
N PHE B 288 21.51 11.52 -5.81
CA PHE B 288 22.77 11.38 -5.07
C PHE B 288 23.44 12.73 -4.90
N GLU B 289 23.38 13.55 -5.97
CA GLU B 289 23.96 14.89 -5.97
C GLU B 289 23.42 15.67 -4.77
N THR B 290 22.09 15.78 -4.70
CA THR B 290 21.42 16.58 -3.67
C THR B 290 21.81 16.09 -2.27
N VAL B 291 21.86 14.76 -2.09
CA VAL B 291 22.20 14.15 -0.81
C VAL B 291 23.64 14.48 -0.44
N HIS B 292 24.54 14.34 -1.42
CA HIS B 292 25.97 14.58 -1.26
C HIS B 292 26.24 16.04 -0.90
N ASP B 293 25.66 16.96 -1.69
CA ASP B 293 25.85 18.40 -1.51
C ASP B 293 25.44 18.85 -0.12
N GLN B 294 24.67 18.01 0.58
CA GLN B 294 24.14 18.36 1.88
C GLN B 294 24.77 17.49 2.97
N GLY B 295 25.77 16.71 2.58
CA GLY B 295 26.52 15.90 3.53
C GLY B 295 25.71 14.73 4.10
N GLY B 296 24.73 14.24 3.33
CA GLY B 296 23.99 13.08 3.77
C GLY B 296 24.70 11.82 3.29
N GLU B 297 24.34 10.68 3.88
CA GLU B 297 24.88 9.41 3.42
C GLU B 297 24.16 9.06 2.11
N LEU B 298 24.90 8.55 1.13
CA LEU B 298 24.32 8.21 -0.16
C LEU B 298 23.47 6.95 -0.04
N PRO B 299 22.23 6.93 -0.60
CA PRO B 299 21.35 5.76 -0.50
C PRO B 299 21.70 4.57 -1.41
N PHE B 300 22.34 3.56 -0.82
CA PHE B 300 22.71 2.34 -1.54
C PHE B 300 22.30 1.12 -0.72
N ASN B 301 22.43 1.24 0.61
CA ASN B 301 22.07 0.16 1.53
C ASN B 301 21.27 0.71 2.71
N TYR B 302 20.15 0.03 3.02
CA TYR B 302 19.27 0.40 4.12
C TYR B 302 18.70 -0.87 4.75
#